data_6P5V
#
_entry.id   6P5V
#
_cell.length_a   35.310
_cell.length_b   96.985
_cell.length_c   60.072
_cell.angle_alpha   90.000
_cell.angle_beta   106.090
_cell.angle_gamma   90.000
#
_symmetry.space_group_name_H-M   'P 1 21 1'
#
loop_
_entity.id
_entity.type
_entity.pdbx_description
1 polymer 'Lysozyme,DCN1-like protein 1 fusion'
2 non-polymer (4S)-2-METHYL-2,4-PENTANEDIOL
3 non-polymer N-[(4S,5S)-1-[(1S)-cyclohex-3-en-1-yl]-7-ethyl-4-(4-fluorophenyl)-3-methyl-6-oxo-4,5,6,7-tetrahydro-1H-pyrazolo[3,4-b]pyridin-5-yl]-3-methylbenzamide
4 water water
#
_entity_poly.entity_id   1
_entity_poly.type   'polypeptide(L)'
_entity_poly.pdbx_seq_one_letter_code
;MGSSHHHHHHSQDLENLYFQGSMNIFEMLRIDEGLRLKIYKDTEGYYTIGIGHLLTKSPSLNAAKSELDKAIGRNTNGVI
TKDEAEKLFNQDVDAAVRGILRNAKLKPVYDSLDAVRRAALINMVFQMGETGVAGFTNSLRMLQQKRWDEAAVNLAKSRW
YNQTPNRTKRVITTFRTGTWDAYKNLRKKLEQLYNRYKDPQDENKIGIDGIQQFCDDLALDPASISVLIIAWKFRAATQC
EFSKQEFMDGMTELGCDSIEKLKAQIPKMEQELKEPGRFKDFYQFTFNFAKNPGQKGLDLEMAIAYWNLVLNGRFKFLDL
WNKFLLEHHKRSIPKDTWNLLLDFSTMIADDMSNYDEEGAWPVLIDDFVEFARPQIAGTKSTTV
;
_entity_poly.pdbx_strand_id   A
#
loop_
_chem_comp.id
_chem_comp.type
_chem_comp.name
_chem_comp.formula
MPD non-polymer (4S)-2-METHYL-2,4-PENTANEDIOL 'C6 H14 O2'
O37 non-polymer N-[(4S,5S)-1-[(1S)-cyclohex-3-en-1-yl]-7-ethyl-4-(4-fluorophenyl)-3-methyl-6-oxo-4,5,6,7-tetrahydro-1H-pyrazolo[3,4-b]pyridin-5-yl]-3-methylbenzamide 'C29 H31 F N4 O2'
#
# COMPACT_ATOMS: atom_id res chain seq x y z
N HIS A 10 14.37 28.25 11.60
CA HIS A 10 14.37 27.88 10.16
C HIS A 10 13.00 28.15 9.57
N SER A 11 12.98 28.59 8.31
CA SER A 11 11.73 28.98 7.67
C SER A 11 10.70 27.84 7.69
N GLN A 12 11.15 26.60 7.58
CA GLN A 12 10.23 25.48 7.46
C GLN A 12 9.72 24.94 8.80
N ASP A 13 10.23 25.45 9.92
CA ASP A 13 9.89 24.90 11.22
C ASP A 13 8.38 24.83 11.40
N LEU A 14 7.90 23.66 11.83
CA LEU A 14 6.46 23.52 12.03
C LEU A 14 5.95 24.40 13.17
N GLU A 15 6.83 24.83 14.08
CA GLU A 15 6.44 25.78 15.11
C GLU A 15 5.87 27.07 14.52
N ASN A 16 6.24 27.41 13.28
CA ASN A 16 5.68 28.59 12.63
C ASN A 16 4.24 28.42 12.21
N LEU A 17 3.69 27.21 12.33
CA LEU A 17 2.29 26.94 12.01
C LEU A 17 1.47 26.65 13.25
N TYR A 18 2.05 26.84 14.45
CA TYR A 18 1.33 26.48 15.67
C TYR A 18 0.13 27.37 15.90
N PHE A 19 0.08 28.54 15.26
CA PHE A 19 -1.09 29.40 15.33
C PHE A 19 -2.27 28.84 14.51
N GLN A 20 -2.00 27.91 13.60
CA GLN A 20 -3.05 27.30 12.82
C GLN A 20 -3.82 26.31 13.68
N GLY A 21 -4.91 25.77 13.13
CA GLY A 21 -5.54 24.61 13.74
C GLY A 21 -4.68 23.37 13.57
N SER A 22 -4.94 22.36 14.40
CA SER A 22 -4.23 21.10 14.26
C SER A 22 -4.62 20.37 12.98
N MET A 23 -5.87 20.51 12.55
CA MET A 23 -6.26 19.95 11.28
C MET A 23 -5.83 20.91 10.18
N ASN A 24 -5.20 20.36 9.14
CA ASN A 24 -4.63 21.18 8.10
C ASN A 24 -4.54 20.35 6.82
N ILE A 25 -3.98 20.95 5.79
CA ILE A 25 -3.93 20.30 4.49
C ILE A 25 -3.07 19.03 4.53
N PHE A 26 -1.97 19.03 5.30
CA PHE A 26 -1.17 17.82 5.42
C PHE A 26 -1.98 16.68 6.02
N GLU A 27 -2.67 16.94 7.13
CA GLU A 27 -3.45 15.89 7.77
C GLU A 27 -4.60 15.45 6.88
N MET A 28 -5.13 16.36 6.08
CA MET A 28 -6.17 16.02 5.11
C MET A 28 -5.65 15.04 4.08
N LEU A 29 -4.49 15.33 3.49
CA LEU A 29 -3.93 14.43 2.48
C LEU A 29 -3.35 13.16 3.09
N ARG A 30 -2.96 13.20 4.37
CA ARG A 30 -2.59 11.97 5.04
C ARG A 30 -3.76 10.99 5.06
N ILE A 31 -4.99 11.51 5.22
CA ILE A 31 -6.20 10.69 5.20
C ILE A 31 -6.58 10.29 3.78
N ASP A 32 -6.44 11.20 2.81
CA ASP A 32 -6.99 10.97 1.47
C ASP A 32 -6.04 10.24 0.54
N GLU A 33 -4.74 10.41 0.72
CA GLU A 33 -3.73 9.79 -0.12
C GLU A 33 -2.82 8.86 0.66
N GLY A 34 -2.47 9.22 1.88
CA GLY A 34 -1.63 8.39 2.72
C GLY A 34 -0.21 8.95 2.82
N LEU A 35 0.50 8.46 3.82
CA LEU A 35 1.83 8.95 4.14
C LEU A 35 2.78 7.77 4.21
N ARG A 36 3.91 7.88 3.52
CA ARG A 36 4.96 6.88 3.53
C ARG A 36 6.24 7.52 4.02
N LEU A 37 6.85 6.92 5.04
CA LEU A 37 8.05 7.47 5.64
C LEU A 37 9.33 6.85 5.10
N LYS A 38 9.23 5.87 4.20
CA LYS A 38 10.39 5.24 3.58
C LYS A 38 10.25 5.37 2.06
N ILE A 39 11.36 5.57 1.37
CA ILE A 39 11.33 5.70 -0.08
C ILE A 39 10.63 4.48 -0.65
N TYR A 40 9.76 4.70 -1.63
CA TYR A 40 9.09 3.62 -2.32
C TYR A 40 8.91 4.01 -3.78
N LYS A 41 8.56 3.03 -4.61
CA LYS A 41 8.30 3.29 -6.02
C LYS A 41 6.81 3.52 -6.24
N ASP A 42 6.48 4.59 -6.95
CA ASP A 42 5.10 4.94 -7.25
C ASP A 42 4.59 4.06 -8.39
N THR A 43 3.39 4.38 -8.90
CA THR A 43 2.78 3.56 -9.94
C THR A 43 3.66 3.48 -11.18
N GLU A 44 4.40 4.54 -11.48
CA GLU A 44 5.25 4.59 -12.66
C GLU A 44 6.67 4.10 -12.38
N GLY A 45 6.91 3.54 -11.19
CA GLY A 45 8.22 3.03 -10.85
C GLY A 45 9.20 4.05 -10.33
N TYR A 46 8.74 5.26 -10.01
CA TYR A 46 9.62 6.35 -9.61
C TYR A 46 9.70 6.48 -8.10
N TYR A 47 10.92 6.77 -7.62
CA TYR A 47 11.17 6.90 -6.19
C TYR A 47 10.46 8.12 -5.61
N THR A 48 9.72 7.88 -4.54
CA THR A 48 8.81 8.82 -3.93
C THR A 48 8.88 8.65 -2.42
N ILE A 49 8.47 9.67 -1.68
CA ILE A 49 8.41 9.58 -0.23
C ILE A 49 7.37 10.57 0.28
N GLY A 50 6.99 10.40 1.54
CA GLY A 50 6.09 11.36 2.17
C GLY A 50 4.68 11.20 1.64
N ILE A 51 4.03 12.33 1.35
CA ILE A 51 2.74 12.33 0.65
C ILE A 51 3.01 12.63 -0.82
N GLY A 52 3.33 11.60 -1.58
CA GLY A 52 3.44 11.72 -3.02
C GLY A 52 4.55 12.63 -3.51
N HIS A 53 5.60 12.80 -2.73
CA HIS A 53 6.70 13.68 -3.14
C HIS A 53 7.67 12.91 -4.03
N LEU A 54 7.65 13.24 -5.32
CA LEU A 54 8.57 12.62 -6.26
C LEU A 54 9.99 13.09 -6.00
N LEU A 55 10.90 12.14 -5.85
CA LEU A 55 12.30 12.48 -5.61
C LEU A 55 13.10 12.59 -6.90
N THR A 56 12.86 11.71 -7.86
CA THR A 56 13.67 11.66 -9.08
C THR A 56 13.04 10.61 -9.98
N LYS A 57 13.32 10.73 -11.28
CA LYS A 57 12.98 9.66 -12.21
C LYS A 57 14.16 8.71 -12.45
N SER A 58 15.28 8.92 -11.74
CA SER A 58 16.43 8.05 -11.87
C SER A 58 16.10 6.63 -11.39
N PRO A 59 16.58 5.59 -12.08
CA PRO A 59 16.44 4.22 -11.56
C PRO A 59 17.32 3.94 -10.35
N SER A 60 18.24 4.84 -9.99
CA SER A 60 19.19 4.62 -8.92
C SER A 60 18.60 5.05 -7.58
N LEU A 61 18.51 4.08 -6.65
CA LEU A 61 18.06 4.42 -5.31
C LEU A 61 19.01 5.42 -4.66
N ASN A 62 20.32 5.30 -4.92
CA ASN A 62 21.26 6.25 -4.34
C ASN A 62 21.01 7.66 -4.85
N ALA A 63 20.60 7.80 -6.11
CA ALA A 63 20.22 9.12 -6.61
C ALA A 63 19.01 9.66 -5.86
N ALA A 64 17.99 8.83 -5.66
CA ALA A 64 16.82 9.26 -4.91
C ALA A 64 17.19 9.66 -3.48
N LYS A 65 18.06 8.87 -2.84
CA LYS A 65 18.54 9.24 -1.52
C LYS A 65 19.28 10.56 -1.54
N SER A 66 20.06 10.81 -2.59
CA SER A 66 20.77 12.09 -2.69
C SER A 66 19.79 13.25 -2.78
N GLU A 67 18.73 13.11 -3.57
CA GLU A 67 17.75 14.19 -3.66
C GLU A 67 17.03 14.38 -2.34
N LEU A 68 16.70 13.29 -1.66
CA LEU A 68 16.03 13.39 -0.36
C LEU A 68 16.91 14.11 0.65
N ASP A 69 18.20 13.78 0.70
CA ASP A 69 19.09 14.41 1.67
C ASP A 69 19.21 15.92 1.41
N LYS A 70 19.24 16.32 0.15
CA LYS A 70 19.27 17.74 -0.17
C LYS A 70 17.99 18.45 0.31
N ALA A 71 16.85 17.78 0.22
CA ALA A 71 15.59 18.43 0.57
C ALA A 71 15.34 18.44 2.08
N ILE A 72 15.86 17.45 2.80
CA ILE A 72 15.61 17.35 4.24
C ILE A 72 16.67 18.06 5.05
N GLY A 73 17.93 17.94 4.63
CA GLY A 73 19.03 18.57 5.33
C GLY A 73 19.89 17.64 6.16
N ARG A 74 19.77 16.33 5.97
CA ARG A 74 20.57 15.37 6.72
C ARG A 74 20.69 14.10 5.89
N ASN A 75 21.49 13.16 6.40
CA ASN A 75 21.65 11.85 5.75
C ASN A 75 20.55 10.93 6.28
N THR A 76 19.52 10.73 5.47
CA THR A 76 18.32 10.03 5.89
C THR A 76 18.37 8.53 5.62
N ASN A 77 19.25 8.09 4.72
CA ASN A 77 19.25 6.71 4.21
C ASN A 77 17.85 6.28 3.80
N GLY A 78 17.05 7.22 3.30
CA GLY A 78 15.77 6.91 2.74
C GLY A 78 14.63 6.80 3.72
N VAL A 79 14.80 7.27 4.96
CA VAL A 79 13.76 7.20 5.98
C VAL A 79 13.62 8.56 6.63
N ILE A 80 12.39 9.08 6.71
CA ILE A 80 12.12 10.38 7.29
C ILE A 80 11.08 10.25 8.39
N THR A 81 10.93 11.32 9.17
CA THR A 81 9.91 11.38 10.20
C THR A 81 8.63 12.00 9.61
N LYS A 82 7.54 11.87 10.37
CA LYS A 82 6.29 12.50 9.94
C LYS A 82 6.45 14.01 9.82
N ASP A 83 7.13 14.64 10.79
CA ASP A 83 7.33 16.08 10.73
C ASP A 83 8.17 16.47 9.51
N GLU A 84 9.18 15.66 9.16
CA GLU A 84 9.96 15.96 7.97
C GLU A 84 9.10 15.84 6.71
N ALA A 85 8.21 14.84 6.67
CA ALA A 85 7.30 14.70 5.55
C ALA A 85 6.35 15.88 5.44
N GLU A 86 5.91 16.43 6.58
CA GLU A 86 5.06 17.62 6.53
C GLU A 86 5.80 18.82 5.97
N LYS A 87 7.07 19.00 6.33
CA LYS A 87 7.86 20.09 5.76
C LYS A 87 7.99 19.94 4.25
N LEU A 88 8.25 18.72 3.77
CA LEU A 88 8.32 18.50 2.33
C LEU A 88 6.98 18.79 1.67
N PHE A 89 5.89 18.32 2.29
CA PHE A 89 4.56 18.55 1.73
C PHE A 89 4.22 20.02 1.71
N ASN A 90 4.56 20.74 2.78
CA ASN A 90 4.22 22.16 2.82
C ASN A 90 4.91 22.94 1.72
N GLN A 91 6.13 22.53 1.34
CA GLN A 91 6.79 23.16 0.19
C GLN A 91 6.01 22.89 -1.08
N ASP A 92 5.55 21.64 -1.25
CA ASP A 92 4.72 21.29 -2.41
C ASP A 92 3.40 22.07 -2.42
N VAL A 93 2.78 22.29 -1.25
CA VAL A 93 1.55 23.09 -1.19
C VAL A 93 1.83 24.52 -1.65
N ASP A 94 2.92 25.12 -1.16
CA ASP A 94 3.23 26.49 -1.55
C ASP A 94 3.36 26.59 -3.07
N ALA A 95 4.00 25.61 -3.68
CA ALA A 95 4.13 25.62 -5.14
C ALA A 95 2.77 25.45 -5.82
N ALA A 96 1.92 24.56 -5.29
CA ALA A 96 0.60 24.39 -5.89
C ALA A 96 -0.23 25.67 -5.79
N VAL A 97 -0.16 26.35 -4.64
CA VAL A 97 -0.88 27.61 -4.46
C VAL A 97 -0.36 28.69 -5.42
N ARG A 98 0.96 28.80 -5.57
CA ARG A 98 1.48 29.74 -6.57
C ARG A 98 0.89 29.46 -7.94
N GLY A 99 0.82 28.19 -8.33
CA GLY A 99 0.23 27.84 -9.61
C GLY A 99 -1.24 28.23 -9.70
N ILE A 100 -2.00 27.95 -8.64
CA ILE A 100 -3.41 28.33 -8.61
C ILE A 100 -3.56 29.83 -8.83
N LEU A 101 -2.70 30.60 -8.17
CA LEU A 101 -2.83 32.05 -8.23
C LEU A 101 -2.44 32.61 -9.60
N ARG A 102 -1.69 31.86 -10.40
CA ARG A 102 -1.35 32.26 -11.75
C ARG A 102 -2.37 31.81 -12.78
N ASN A 103 -3.37 31.04 -12.37
CA ASN A 103 -4.30 30.43 -13.30
C ASN A 103 -5.60 31.23 -13.30
N ALA A 104 -5.92 31.82 -14.45
CA ALA A 104 -7.07 32.70 -14.55
C ALA A 104 -8.37 31.98 -14.25
N LYS A 105 -8.39 30.66 -14.41
CA LYS A 105 -9.58 29.87 -14.17
C LYS A 105 -9.76 29.46 -12.71
N LEU A 106 -8.70 29.49 -11.91
CA LEU A 106 -8.75 29.05 -10.53
C LEU A 106 -8.54 30.16 -9.51
N LYS A 107 -7.83 31.23 -9.88
CA LYS A 107 -7.55 32.28 -8.90
C LYS A 107 -8.82 32.91 -8.34
N PRO A 108 -9.83 33.26 -9.14
CA PRO A 108 -11.01 33.91 -8.56
C PRO A 108 -11.70 33.06 -7.51
N VAL A 109 -11.89 31.76 -7.77
CA VAL A 109 -12.55 30.91 -6.77
CA VAL A 109 -12.54 30.90 -6.78
C VAL A 109 -11.66 30.73 -5.55
N TYR A 110 -10.37 30.46 -5.76
CA TYR A 110 -9.46 30.30 -4.62
C TYR A 110 -9.49 31.52 -3.71
N ASP A 111 -9.37 32.71 -4.29
CA ASP A 111 -9.34 33.93 -3.48
C ASP A 111 -10.62 34.08 -2.67
N SER A 112 -11.75 33.65 -3.24
CA SER A 112 -13.05 33.86 -2.60
C SER A 112 -13.28 32.90 -1.45
N LEU A 113 -12.54 31.79 -1.39
CA LEU A 113 -12.82 30.74 -0.43
C LEU A 113 -12.16 31.03 0.92
N ASP A 114 -12.83 30.57 1.98
CA ASP A 114 -12.26 30.52 3.32
C ASP A 114 -11.15 29.47 3.37
N ALA A 115 -10.43 29.44 4.49
CA ALA A 115 -9.22 28.63 4.57
C ALA A 115 -9.52 27.13 4.46
N VAL A 116 -10.60 26.66 5.08
CA VAL A 116 -10.91 25.24 5.02
C VAL A 116 -11.29 24.83 3.60
N ARG A 117 -12.13 25.63 2.94
CA ARG A 117 -12.48 25.31 1.56
C ARG A 117 -11.30 25.47 0.62
N ARG A 118 -10.37 26.37 0.90
CA ARG A 118 -9.15 26.45 0.11
C ARG A 118 -8.39 25.13 0.16
N ALA A 119 -8.35 24.50 1.35
CA ALA A 119 -7.69 23.20 1.47
C ALA A 119 -8.36 22.16 0.59
N ALA A 120 -9.69 22.20 0.49
CA ALA A 120 -10.41 21.28 -0.37
C ALA A 120 -10.03 21.50 -1.84
N LEU A 121 -9.89 22.75 -2.27
CA LEU A 121 -9.49 23.00 -3.65
C LEU A 121 -8.07 22.54 -3.90
N ILE A 122 -7.17 22.79 -2.95
CA ILE A 122 -5.80 22.32 -3.10
C ILE A 122 -5.78 20.80 -3.17
N ASN A 123 -6.57 20.12 -2.35
CA ASN A 123 -6.70 18.67 -2.41
C ASN A 123 -7.04 18.21 -3.83
N MET A 124 -8.03 18.87 -4.45
CA MET A 124 -8.39 18.54 -5.82
C MET A 124 -7.22 18.72 -6.77
N VAL A 125 -6.46 19.82 -6.63
CA VAL A 125 -5.33 20.06 -7.53
C VAL A 125 -4.26 18.99 -7.36
N PHE A 126 -4.01 18.55 -6.12
CA PHE A 126 -3.07 17.45 -5.94
C PHE A 126 -3.54 16.20 -6.66
N GLN A 127 -4.85 15.93 -6.63
CA GLN A 127 -5.36 14.69 -7.23
C GLN A 127 -5.38 14.75 -8.76
N MET A 128 -5.79 15.87 -9.35
CA MET A 128 -6.06 15.90 -10.78
C MET A 128 -5.35 17.02 -11.56
N GLY A 129 -4.54 17.85 -10.90
CA GLY A 129 -3.80 18.90 -11.57
C GLY A 129 -4.66 20.10 -11.85
N GLU A 130 -4.01 21.22 -12.19
CA GLU A 130 -4.76 22.45 -12.43
C GLU A 130 -5.72 22.30 -13.60
N THR A 131 -5.25 21.69 -14.69
CA THR A 131 -6.11 21.54 -15.86
C THR A 131 -7.36 20.76 -15.51
N GLY A 132 -7.21 19.70 -14.71
CA GLY A 132 -8.36 18.92 -14.31
C GLY A 132 -9.34 19.71 -13.46
N VAL A 133 -8.84 20.42 -12.46
CA VAL A 133 -9.73 21.19 -11.61
C VAL A 133 -10.39 22.31 -12.41
N ALA A 134 -9.65 22.95 -13.31
CA ALA A 134 -10.19 24.05 -14.10
C ALA A 134 -11.30 23.59 -15.04
N GLY A 135 -11.43 22.29 -15.28
CA GLY A 135 -12.53 21.78 -16.09
C GLY A 135 -13.89 21.90 -15.41
N PHE A 136 -13.91 22.05 -14.08
CA PHE A 136 -15.15 22.09 -13.31
C PHE A 136 -15.78 23.49 -13.33
N THR A 137 -15.95 24.08 -14.51
CA THR A 137 -16.29 25.50 -14.60
C THR A 137 -17.54 25.83 -13.80
N ASN A 138 -18.61 25.05 -13.98
CA ASN A 138 -19.88 25.36 -13.32
C ASN A 138 -19.78 25.19 -11.81
N SER A 139 -19.17 24.09 -11.36
CA SER A 139 -19.06 23.88 -9.92
C SER A 139 -18.19 24.94 -9.26
N LEU A 140 -17.10 25.35 -9.93
CA LEU A 140 -16.26 26.40 -9.35
C LEU A 140 -17.01 27.72 -9.25
N ARG A 141 -17.85 28.04 -10.23
CA ARG A 141 -18.66 29.25 -10.15
C ARG A 141 -19.63 29.16 -8.97
N MET A 142 -20.23 27.99 -8.76
CA MET A 142 -21.11 27.82 -7.62
C MET A 142 -20.38 28.04 -6.31
N LEU A 143 -19.14 27.52 -6.21
CA LEU A 143 -18.35 27.75 -5.01
C LEU A 143 -18.04 29.22 -4.84
N GLN A 144 -17.69 29.89 -5.93
CA GLN A 144 -17.37 31.32 -5.83
C GLN A 144 -18.58 32.13 -5.38
N GLN A 145 -19.79 31.68 -5.74
CA GLN A 145 -21.04 32.31 -5.33
C GLN A 145 -21.55 31.84 -3.97
N LYS A 146 -20.79 30.96 -3.31
CA LYS A 146 -21.14 30.42 -1.99
C LYS A 146 -22.43 29.58 -2.03
N ARG A 147 -22.69 28.97 -3.19
CA ARG A 147 -23.82 28.05 -3.37
C ARG A 147 -23.35 26.65 -3.04
N TRP A 148 -23.15 26.42 -1.74
CA TRP A 148 -22.41 25.24 -1.29
C TRP A 148 -23.16 23.95 -1.59
N ASP A 149 -24.44 23.90 -1.25
CA ASP A 149 -25.20 22.67 -1.48
C ASP A 149 -25.28 22.34 -2.96
N GLU A 150 -25.48 23.35 -3.80
CA GLU A 150 -25.56 23.11 -5.23
C GLU A 150 -24.22 22.65 -5.79
N ALA A 151 -23.12 23.27 -5.34
CA ALA A 151 -21.79 22.80 -5.75
C ALA A 151 -21.59 21.35 -5.37
N ALA A 152 -21.98 20.98 -4.15
CA ALA A 152 -21.80 19.61 -3.70
C ALA A 152 -22.56 18.63 -4.58
N VAL A 153 -23.79 18.98 -4.94
CA VAL A 153 -24.59 18.10 -5.78
C VAL A 153 -23.95 17.97 -7.16
N ASN A 154 -23.48 19.08 -7.73
CA ASN A 154 -22.89 19.04 -9.06
C ASN A 154 -21.59 18.25 -9.06
N LEU A 155 -20.76 18.42 -8.03
CA LEU A 155 -19.50 17.68 -7.98
C LEU A 155 -19.73 16.19 -7.87
N ALA A 156 -20.81 15.77 -7.21
CA ALA A 156 -21.07 14.35 -7.02
C ALA A 156 -21.48 13.65 -8.31
N LYS A 157 -21.88 14.40 -9.33
CA LYS A 157 -22.25 13.83 -10.64
C LYS A 157 -21.04 13.52 -11.51
N SER A 158 -19.83 13.85 -11.07
CA SER A 158 -18.67 13.85 -11.93
C SER A 158 -17.94 12.51 -11.90
N ARG A 159 -17.10 12.34 -12.91
CA ARG A 159 -16.22 11.18 -12.99
C ARG A 159 -15.27 11.13 -11.81
N TRP A 160 -14.82 12.31 -11.33
CA TRP A 160 -14.02 12.38 -10.11
C TRP A 160 -14.64 11.55 -8.98
N TYR A 161 -15.95 11.71 -8.78
CA TYR A 161 -16.63 10.99 -7.71
C TYR A 161 -16.57 9.48 -7.95
N ASN A 162 -16.75 9.05 -9.20
CA ASN A 162 -16.71 7.64 -9.53
C ASN A 162 -15.31 7.06 -9.36
N GLN A 163 -14.28 7.88 -9.59
CA GLN A 163 -12.90 7.39 -9.52
C GLN A 163 -12.49 7.10 -8.09
N THR A 164 -12.81 8.00 -7.16
CA THR A 164 -12.37 7.92 -5.78
C THR A 164 -13.54 8.33 -4.89
N PRO A 165 -14.56 7.48 -4.77
CA PRO A 165 -15.80 7.95 -4.11
C PRO A 165 -15.61 8.37 -2.66
N ASN A 166 -14.77 7.66 -1.91
CA ASN A 166 -14.66 7.99 -0.49
C ASN A 166 -13.89 9.28 -0.26
N ARG A 167 -12.78 9.47 -0.98
CA ARG A 167 -12.06 10.73 -0.89
C ARG A 167 -12.93 11.87 -1.41
N THR A 168 -13.56 11.66 -2.56
CA THR A 168 -14.35 12.73 -3.16
C THR A 168 -15.51 13.11 -2.24
N LYS A 169 -16.17 12.14 -1.60
CA LYS A 169 -17.22 12.49 -0.65
C LYS A 169 -16.70 13.38 0.47
N ARG A 170 -15.50 13.09 0.99
CA ARG A 170 -14.98 13.93 2.08
C ARG A 170 -14.65 15.33 1.58
N VAL A 171 -14.06 15.45 0.39
CA VAL A 171 -13.73 16.77 -0.14
C VAL A 171 -15.01 17.56 -0.40
N ILE A 172 -16.03 16.89 -0.94
CA ILE A 172 -17.31 17.55 -1.19
C ILE A 172 -17.95 18.03 0.11
N THR A 173 -17.94 17.17 1.14
CA THR A 173 -18.47 17.58 2.43
C THR A 173 -17.74 18.80 2.98
N THR A 174 -16.44 18.89 2.71
CA THR A 174 -15.66 20.05 3.13
C THR A 174 -16.13 21.31 2.40
N PHE A 175 -16.37 21.22 1.09
CA PHE A 175 -16.96 22.34 0.37
C PHE A 175 -18.37 22.65 0.88
N ARG A 176 -19.14 21.62 1.20
CA ARG A 176 -20.53 21.84 1.59
C ARG A 176 -20.61 22.57 2.92
N THR A 177 -19.76 22.19 3.88
CA THR A 177 -19.88 22.65 5.26
C THR A 177 -18.86 23.71 5.65
N GLY A 178 -17.71 23.77 4.97
CA GLY A 178 -16.64 24.64 5.42
C GLY A 178 -16.01 24.21 6.71
N THR A 179 -16.17 22.94 7.08
CA THR A 179 -15.63 22.39 8.32
C THR A 179 -14.80 21.17 7.98
N TRP A 180 -14.10 20.67 8.99
CA TRP A 180 -13.33 19.45 8.88
C TRP A 180 -14.13 18.22 9.28
N ASP A 181 -15.46 18.33 9.36
CA ASP A 181 -16.27 17.24 9.88
C ASP A 181 -15.98 15.90 9.21
N ALA A 182 -15.82 15.90 7.89
CA ALA A 182 -15.65 14.62 7.19
C ALA A 182 -14.37 13.93 7.61
N TYR A 183 -13.34 14.70 7.97
CA TYR A 183 -12.06 14.13 8.38
C TYR A 183 -12.09 13.72 9.83
N LYS A 184 -12.77 14.49 10.68
CA LYS A 184 -12.98 14.06 12.06
C LYS A 184 -13.77 12.76 12.09
N ASN A 185 -14.78 12.65 11.23
CA ASN A 185 -15.60 11.45 11.21
C ASN A 185 -14.81 10.25 10.71
N LEU A 186 -14.01 10.43 9.67
CA LEU A 186 -13.16 9.36 9.15
C LEU A 186 -12.20 8.86 10.24
N ARG A 187 -11.50 9.78 10.90
CA ARG A 187 -10.56 9.38 11.93
C ARG A 187 -11.27 8.57 13.00
N LYS A 188 -12.42 9.05 13.45
CA LYS A 188 -13.14 8.35 14.52
C LYS A 188 -13.59 6.97 14.07
N LYS A 189 -14.05 6.83 12.83
CA LYS A 189 -14.47 5.52 12.33
C LYS A 189 -13.31 4.54 12.36
N LEU A 190 -12.14 4.97 11.88
CA LEU A 190 -11.00 4.08 11.85
C LEU A 190 -10.51 3.78 13.26
N GLU A 191 -10.58 4.75 14.17
CA GLU A 191 -10.16 4.50 15.54
C GLU A 191 -11.08 3.49 16.20
N GLN A 192 -12.39 3.66 16.01
CA GLN A 192 -13.32 2.76 16.65
C GLN A 192 -13.25 1.37 16.06
N LEU A 193 -12.99 1.26 14.76
CA LEU A 193 -12.80 -0.05 14.15
C LEU A 193 -11.52 -0.71 14.65
N TYR A 194 -10.41 0.03 14.68
CA TYR A 194 -9.17 -0.50 15.25
C TYR A 194 -9.38 -0.97 16.70
N ASN A 195 -10.15 -0.22 17.48
CA ASN A 195 -10.36 -0.58 18.88
C ASN A 195 -11.12 -1.89 19.02
N ARG A 196 -11.92 -2.28 18.04
CA ARG A 196 -12.59 -3.57 18.08
C ARG A 196 -11.60 -4.74 18.01
N TYR A 197 -10.46 -4.52 17.35
CA TYR A 197 -9.50 -5.59 17.10
C TYR A 197 -8.24 -5.51 17.97
N LYS A 198 -7.94 -4.38 18.59
CA LYS A 198 -6.63 -4.21 19.20
C LYS A 198 -6.44 -5.17 20.35
N ASP A 199 -5.18 -5.51 20.61
CA ASP A 199 -4.81 -6.36 21.73
C ASP A 199 -5.10 -5.62 23.03
N PRO A 200 -5.92 -6.17 23.93
CA PRO A 200 -6.19 -5.46 25.19
C PRO A 200 -4.95 -5.20 26.04
N GLN A 201 -3.84 -5.91 25.77
CA GLN A 201 -2.60 -5.76 26.52
C GLN A 201 -1.53 -5.00 25.77
N ASP A 202 -1.84 -4.50 24.56
CA ASP A 202 -0.85 -3.73 23.78
C ASP A 202 -1.66 -2.93 22.76
N GLU A 203 -1.94 -1.67 23.09
CA GLU A 203 -2.78 -0.90 22.18
C GLU A 203 -2.10 -0.63 20.85
N ASN A 204 -0.81 -0.92 20.71
CA ASN A 204 -0.10 -0.64 19.47
C ASN A 204 -0.26 -1.75 18.44
N LYS A 205 -0.97 -2.82 18.76
CA LYS A 205 -1.14 -3.88 17.77
C LYS A 205 -2.47 -4.60 17.96
N ILE A 206 -2.90 -5.22 16.87
CA ILE A 206 -3.92 -6.25 16.86
C ILE A 206 -3.19 -7.59 16.98
N GLY A 207 -3.62 -8.43 17.91
CA GLY A 207 -3.03 -9.74 18.11
C GLY A 207 -3.81 -10.83 17.39
N ILE A 208 -3.47 -12.07 17.74
CA ILE A 208 -4.07 -13.22 17.07
C ILE A 208 -5.60 -13.23 17.23
N ASP A 209 -6.11 -12.95 18.43
CA ASP A 209 -7.55 -12.91 18.64
C ASP A 209 -8.20 -11.82 17.80
N GLY A 210 -7.56 -10.65 17.71
CA GLY A 210 -8.11 -9.58 16.90
C GLY A 210 -8.08 -9.91 15.42
N ILE A 211 -7.00 -10.56 14.96
CA ILE A 211 -6.95 -10.98 13.57
C ILE A 211 -8.08 -11.96 13.29
N GLN A 212 -8.36 -12.85 14.24
CA GLN A 212 -9.45 -13.82 14.07
C GLN A 212 -10.81 -13.10 14.00
N GLN A 213 -11.02 -12.08 14.85
CA GLN A 213 -12.27 -11.33 14.78
C GLN A 213 -12.39 -10.59 13.45
N PHE A 214 -11.28 -10.00 13.01
CA PHE A 214 -11.21 -9.34 11.70
C PHE A 214 -11.61 -10.31 10.59
N CYS A 215 -11.03 -11.52 10.60
CA CYS A 215 -11.40 -12.52 9.61
C CYS A 215 -12.88 -12.89 9.70
N ASP A 216 -13.38 -13.12 10.91
CA ASP A 216 -14.80 -13.43 11.09
C ASP A 216 -15.68 -12.31 10.54
N ASP A 217 -15.34 -11.06 10.83
CA ASP A 217 -16.14 -9.93 10.34
C ASP A 217 -16.14 -9.90 8.81
N LEU A 218 -15.04 -10.34 8.20
CA LEU A 218 -14.93 -10.38 6.75
C LEU A 218 -15.44 -11.69 6.15
N ALA A 219 -16.00 -12.59 6.95
CA ALA A 219 -16.54 -13.86 6.45
C ALA A 219 -15.47 -14.65 5.71
N LEU A 220 -14.26 -14.61 6.23
CA LEU A 220 -13.14 -15.34 5.65
C LEU A 220 -12.77 -16.48 6.56
N ASP A 221 -12.65 -17.67 5.98
CA ASP A 221 -12.01 -18.77 6.65
C ASP A 221 -10.62 -18.29 7.04
N PRO A 222 -10.26 -18.28 8.32
CA PRO A 222 -8.92 -17.82 8.71
C PRO A 222 -7.81 -18.64 8.08
N ALA A 223 -8.14 -19.78 7.46
CA ALA A 223 -7.18 -20.63 6.76
C ALA A 223 -7.13 -20.34 5.26
N SER A 224 -7.85 -19.33 4.77
CA SER A 224 -7.83 -19.00 3.36
C SER A 224 -6.60 -18.19 3.01
N ILE A 225 -6.08 -18.42 1.79
CA ILE A 225 -4.99 -17.58 1.29
C ILE A 225 -5.41 -16.11 1.23
N SER A 226 -6.70 -15.84 1.16
CA SER A 226 -7.16 -14.46 1.11
C SER A 226 -6.71 -13.67 2.33
N VAL A 227 -6.55 -14.33 3.48
CA VAL A 227 -6.07 -13.66 4.67
C VAL A 227 -4.64 -13.17 4.46
N LEU A 228 -3.79 -14.01 3.89
CA LEU A 228 -2.42 -13.62 3.60
C LEU A 228 -2.37 -12.55 2.53
N ILE A 229 -3.28 -12.60 1.55
CA ILE A 229 -3.37 -11.55 0.55
C ILE A 229 -3.66 -10.20 1.20
N ILE A 230 -4.58 -10.17 2.17
CA ILE A 230 -4.85 -8.93 2.89
C ILE A 230 -3.59 -8.47 3.63
N ALA A 231 -2.89 -9.38 4.30
CA ALA A 231 -1.67 -8.99 5.00
C ALA A 231 -0.65 -8.37 4.05
N TRP A 232 -0.53 -8.95 2.85
CA TRP A 232 0.32 -8.39 1.81
C TRP A 232 -0.10 -6.98 1.43
N LYS A 233 -1.39 -6.77 1.17
CA LYS A 233 -1.85 -5.44 0.78
C LYS A 233 -1.67 -4.44 1.92
N PHE A 234 -1.74 -4.90 3.17
CA PHE A 234 -1.45 -4.06 4.33
C PHE A 234 0.04 -3.96 4.65
N ARG A 235 0.91 -4.61 3.87
CA ARG A 235 2.36 -4.56 4.09
C ARG A 235 2.72 -4.96 5.52
N ALA A 236 2.02 -5.96 6.04
CA ALA A 236 2.25 -6.38 7.41
C ALA A 236 3.67 -6.95 7.56
N ALA A 237 4.33 -6.57 8.65
CA ALA A 237 5.71 -6.95 8.84
C ALA A 237 5.86 -8.39 9.27
N THR A 238 4.92 -8.92 10.06
CA THR A 238 5.14 -10.21 10.70
C THR A 238 3.83 -10.91 10.99
N GLN A 239 3.80 -12.23 10.79
CA GLN A 239 2.60 -12.99 11.04
C GLN A 239 2.23 -12.94 12.52
N CYS A 240 0.93 -13.03 12.79
CA CYS A 240 0.33 -13.01 14.12
C CYS A 240 0.29 -11.62 14.76
N GLU A 241 0.79 -10.59 14.08
CA GLU A 241 0.65 -9.20 14.54
C GLU A 241 0.13 -8.36 13.39
N PHE A 242 -0.62 -7.32 13.74
CA PHE A 242 -1.12 -6.37 12.76
C PHE A 242 -1.02 -5.03 13.49
N SER A 243 0.02 -4.25 13.18
CA SER A 243 0.28 -3.05 13.96
C SER A 243 -0.78 -1.97 13.67
N LYS A 244 -0.91 -1.04 14.61
CA LYS A 244 -1.83 0.06 14.40
C LYS A 244 -1.50 0.84 13.13
N GLN A 245 -0.21 1.11 12.90
CA GLN A 245 0.17 1.81 11.67
C GLN A 245 -0.16 0.99 10.43
N GLU A 246 0.08 -0.33 10.47
CA GLU A 246 -0.27 -1.17 9.33
C GLU A 246 -1.76 -1.09 9.04
N PHE A 247 -2.58 -1.17 10.07
CA PHE A 247 -4.03 -1.13 9.89
C PHE A 247 -4.46 0.23 9.31
N MET A 248 -4.00 1.32 9.89
CA MET A 248 -4.41 2.64 9.42
C MET A 248 -3.90 2.93 8.02
N ASP A 249 -2.62 2.62 7.76
CA ASP A 249 -2.07 2.85 6.43
C ASP A 249 -2.80 2.01 5.38
N GLY A 250 -3.13 0.77 5.74
CA GLY A 250 -3.78 -0.12 4.78
C GLY A 250 -5.21 0.30 4.46
N MET A 251 -5.99 0.62 5.48
CA MET A 251 -7.34 1.11 5.24
C MET A 251 -7.31 2.39 4.41
N THR A 252 -6.31 3.26 4.65
CA THR A 252 -6.16 4.49 3.86
C THR A 252 -5.84 4.17 2.41
N GLU A 253 -4.84 3.33 2.16
CA GLU A 253 -4.42 3.08 0.79
C GLU A 253 -5.49 2.32 0.02
N LEU A 254 -6.30 1.53 0.70
CA LEU A 254 -7.38 0.79 0.07
C LEU A 254 -8.66 1.59 -0.04
N GLY A 255 -8.70 2.79 0.52
CA GLY A 255 -9.86 3.66 0.45
C GLY A 255 -11.06 3.11 1.20
N CYS A 256 -10.83 2.47 2.35
CA CYS A 256 -11.91 1.85 3.11
C CYS A 256 -11.97 2.43 4.52
N ASP A 257 -13.17 2.79 4.95
CA ASP A 257 -13.41 3.20 6.33
C ASP A 257 -14.35 2.26 7.05
N SER A 258 -14.61 1.09 6.49
CA SER A 258 -15.55 0.14 7.08
C SER A 258 -15.19 -1.26 6.62
N ILE A 259 -15.65 -2.25 7.40
CA ILE A 259 -15.47 -3.66 7.04
C ILE A 259 -16.20 -3.98 5.75
N GLU A 260 -17.41 -3.43 5.56
CA GLU A 260 -18.15 -3.71 4.34
C GLU A 260 -17.36 -3.27 3.12
N LYS A 261 -16.71 -2.11 3.21
CA LYS A 261 -15.92 -1.63 2.08
C LYS A 261 -14.68 -2.48 1.88
N LEU A 262 -14.00 -2.89 2.97
CA LEU A 262 -12.86 -3.78 2.82
C LEU A 262 -13.28 -5.12 2.21
N LYS A 263 -14.41 -5.66 2.65
CA LYS A 263 -14.91 -6.91 2.08
C LYS A 263 -15.06 -6.80 0.57
N ALA A 264 -15.57 -5.67 0.08
CA ALA A 264 -15.73 -5.48 -1.36
C ALA A 264 -14.38 -5.37 -2.08
N GLN A 265 -13.32 -5.00 -1.37
CA GLN A 265 -11.99 -4.89 -1.97
C GLN A 265 -11.26 -6.22 -2.11
N ILE A 266 -11.65 -7.24 -1.35
CA ILE A 266 -10.91 -8.51 -1.37
C ILE A 266 -10.83 -9.11 -2.76
N PRO A 267 -11.93 -9.22 -3.52
CA PRO A 267 -11.80 -9.78 -4.88
C PRO A 267 -10.87 -8.99 -5.76
N LYS A 268 -10.78 -7.67 -5.56
CA LYS A 268 -9.88 -6.85 -6.36
C LYS A 268 -8.42 -7.16 -6.03
N MET A 269 -8.12 -7.42 -4.75
CA MET A 269 -6.78 -7.84 -4.37
C MET A 269 -6.43 -9.18 -4.97
N GLU A 270 -7.39 -10.12 -4.93
CA GLU A 270 -7.16 -11.43 -5.55
C GLU A 270 -6.87 -11.27 -7.03
N GLN A 271 -7.62 -10.40 -7.72
CA GLN A 271 -7.44 -10.25 -9.15
C GLN A 271 -6.04 -9.73 -9.48
N GLU A 272 -5.49 -8.88 -8.63
CA GLU A 272 -4.18 -8.33 -8.87
C GLU A 272 -3.13 -9.44 -9.00
N LEU A 273 -3.33 -10.57 -8.31
CA LEU A 273 -2.34 -11.64 -8.32
C LEU A 273 -2.29 -12.39 -9.64
N LYS A 274 -3.25 -12.17 -10.54
CA LYS A 274 -3.18 -12.82 -11.84
C LYS A 274 -2.03 -12.29 -12.69
N GLU A 275 -1.46 -11.15 -12.33
CA GLU A 275 -0.27 -10.66 -13.01
C GLU A 275 0.94 -11.37 -12.42
N PRO A 276 1.76 -12.06 -13.21
CA PRO A 276 2.94 -12.73 -12.63
C PRO A 276 3.81 -11.80 -11.82
N GLY A 277 3.96 -10.53 -12.24
CA GLY A 277 4.78 -9.60 -11.49
C GLY A 277 4.23 -9.34 -10.11
N ARG A 278 2.91 -9.23 -10.00
CA ARG A 278 2.30 -9.02 -8.70
C ARG A 278 2.33 -10.28 -7.86
N PHE A 279 2.14 -11.45 -8.47
CA PHE A 279 2.27 -12.67 -7.69
C PHE A 279 3.70 -12.83 -7.15
N LYS A 280 4.69 -12.51 -7.96
CA LYS A 280 6.07 -12.56 -7.48
C LYS A 280 6.27 -11.64 -6.28
N ASP A 281 5.70 -10.44 -6.32
CA ASP A 281 5.80 -9.53 -5.19
C ASP A 281 5.16 -10.14 -3.95
N PHE A 282 3.95 -10.70 -4.11
CA PHE A 282 3.27 -11.38 -3.02
C PHE A 282 4.07 -12.56 -2.51
N TYR A 283 4.60 -13.37 -3.43
CA TYR A 283 5.39 -14.53 -3.05
C TYR A 283 6.62 -14.12 -2.25
N GLN A 284 7.33 -13.08 -2.70
CA GLN A 284 8.53 -12.65 -1.97
C GLN A 284 8.17 -12.02 -0.64
N PHE A 285 7.04 -11.31 -0.57
CA PHE A 285 6.56 -10.74 0.68
C PHE A 285 6.38 -11.83 1.73
N THR A 286 5.90 -12.99 1.30
CA THR A 286 5.54 -14.05 2.23
C THR A 286 6.73 -14.49 3.07
N PHE A 287 7.93 -14.48 2.48
CA PHE A 287 9.12 -14.90 3.22
C PHE A 287 9.36 -14.01 4.43
N ASN A 288 9.41 -12.69 4.21
CA ASN A 288 9.74 -11.80 5.31
C ASN A 288 8.61 -11.78 6.34
N PHE A 289 7.38 -11.96 5.87
CA PHE A 289 6.22 -11.99 6.76
C PHE A 289 6.24 -13.21 7.67
N ALA A 290 6.60 -14.37 7.12
CA ALA A 290 6.56 -15.62 7.87
C ALA A 290 7.76 -15.79 8.80
N LYS A 291 8.89 -15.15 8.49
CA LYS A 291 10.11 -15.36 9.25
C LYS A 291 9.99 -14.72 10.62
N ASN A 292 10.57 -15.35 11.62
CA ASN A 292 10.65 -14.74 12.94
C ASN A 292 11.53 -13.50 12.85
N PRO A 293 11.11 -12.36 13.40
CA PRO A 293 11.95 -11.16 13.32
C PRO A 293 13.35 -11.38 13.87
N GLY A 294 13.49 -12.19 14.91
CA GLY A 294 14.79 -12.42 15.51
C GLY A 294 15.71 -13.36 14.77
N GLN A 295 15.29 -13.91 13.62
CA GLN A 295 16.05 -14.89 12.87
C GLN A 295 16.38 -14.34 11.49
N LYS A 296 17.48 -14.80 10.90
CA LYS A 296 17.85 -14.35 9.56
C LYS A 296 17.20 -15.17 8.46
N GLY A 297 17.00 -16.48 8.67
CA GLY A 297 16.33 -17.34 7.73
C GLY A 297 15.00 -17.85 8.27
N LEU A 298 14.31 -18.60 7.42
CA LEU A 298 12.98 -19.12 7.74
C LEU A 298 13.08 -20.60 8.06
N ASP A 299 12.56 -20.99 9.22
CA ASP A 299 12.56 -22.39 9.61
C ASP A 299 11.91 -23.24 8.54
N LEU A 300 12.50 -24.40 8.27
CA LEU A 300 12.02 -25.26 7.19
C LEU A 300 10.55 -25.62 7.35
N GLU A 301 10.12 -25.96 8.56
CA GLU A 301 8.72 -26.35 8.76
C GLU A 301 7.76 -25.21 8.42
N MET A 302 8.12 -23.98 8.80
CA MET A 302 7.29 -22.83 8.47
C MET A 302 7.34 -22.52 6.99
N ALA A 303 8.51 -22.70 6.37
CA ALA A 303 8.61 -22.53 4.93
C ALA A 303 7.69 -23.51 4.19
N ILE A 304 7.67 -24.77 4.60
CA ILE A 304 6.82 -25.77 3.97
C ILE A 304 5.35 -25.35 4.08
N ALA A 305 4.92 -24.92 5.27
CA ALA A 305 3.54 -24.53 5.47
C ALA A 305 3.14 -23.39 4.54
N TYR A 306 3.97 -22.36 4.45
CA TYR A 306 3.64 -21.24 3.59
C TYR A 306 3.79 -21.58 2.10
N TRP A 307 4.79 -22.40 1.76
CA TRP A 307 4.90 -22.89 0.39
C TRP A 307 3.63 -23.62 -0.05
N ASN A 308 3.09 -24.46 0.83
CA ASN A 308 1.90 -25.21 0.47
C ASN A 308 0.68 -24.30 0.32
N LEU A 309 0.62 -23.23 1.09
CA LEU A 309 -0.46 -22.27 0.94
C LEU A 309 -0.35 -21.50 -0.37
N VAL A 310 0.84 -20.96 -0.67
CA VAL A 310 0.96 -20.02 -1.78
C VAL A 310 1.29 -20.69 -3.11
N LEU A 311 1.84 -21.89 -3.13
CA LEU A 311 2.22 -22.52 -4.38
C LEU A 311 1.32 -23.66 -4.82
N ASN A 312 0.32 -24.05 -4.03
CA ASN A 312 -0.54 -25.15 -4.47
C ASN A 312 -1.31 -24.73 -5.70
N GLY A 313 -1.27 -25.57 -6.73
CA GLY A 313 -1.87 -25.24 -8.01
C GLY A 313 -1.00 -24.41 -8.94
N ARG A 314 0.15 -23.94 -8.47
CA ARG A 314 1.05 -23.13 -9.27
C ARG A 314 2.37 -23.83 -9.57
N PHE A 315 2.90 -24.57 -8.60
CA PHE A 315 4.17 -25.28 -8.73
C PHE A 315 3.85 -26.74 -8.98
N LYS A 316 4.14 -27.21 -10.20
CA LYS A 316 3.69 -28.54 -10.62
C LYS A 316 4.38 -29.66 -9.86
N PHE A 317 5.48 -29.37 -9.18
CA PHE A 317 6.20 -30.39 -8.42
C PHE A 317 6.07 -30.18 -6.91
N LEU A 318 5.03 -29.49 -6.46
CA LEU A 318 4.90 -29.19 -5.04
C LEU A 318 4.82 -30.46 -4.20
N ASP A 319 4.08 -31.46 -4.67
CA ASP A 319 3.97 -32.69 -3.88
C ASP A 319 5.34 -33.37 -3.73
N LEU A 320 6.12 -33.43 -4.81
CA LEU A 320 7.46 -34.01 -4.73
C LEU A 320 8.36 -33.16 -3.84
N TRP A 321 8.21 -31.84 -3.92
CA TRP A 321 8.98 -30.93 -3.08
C TRP A 321 8.73 -31.23 -1.60
N ASN A 322 7.46 -31.46 -1.24
CA ASN A 322 7.15 -31.83 0.14
C ASN A 322 7.87 -33.11 0.54
N LYS A 323 7.83 -34.13 -0.30
CA LYS A 323 8.46 -35.39 0.08
C LYS A 323 9.97 -35.21 0.23
N PHE A 324 10.59 -34.50 -0.72
CA PHE A 324 12.02 -34.20 -0.65
C PHE A 324 12.38 -33.52 0.67
N LEU A 325 11.63 -32.48 1.03
CA LEU A 325 11.98 -31.72 2.21
C LEU A 325 11.69 -32.48 3.50
N LEU A 326 10.66 -33.33 3.49
CA LEU A 326 10.31 -34.04 4.73
C LEU A 326 11.37 -35.06 5.10
N GLU A 327 12.17 -35.50 4.14
CA GLU A 327 13.28 -36.39 4.39
C GLU A 327 14.59 -35.62 4.60
N HIS A 328 14.52 -34.30 4.74
CA HIS A 328 15.66 -33.42 4.95
C HIS A 328 15.83 -33.09 6.44
N HIS A 329 16.98 -32.54 6.77
CA HIS A 329 17.26 -32.12 8.13
C HIS A 329 16.93 -30.63 8.33
N SER A 332 16.77 -24.53 7.88
CA SER A 332 16.53 -23.11 7.63
C SER A 332 16.63 -22.75 6.13
N ILE A 333 15.85 -21.77 5.69
CA ILE A 333 15.77 -21.38 4.29
C ILE A 333 16.14 -19.91 4.20
N PRO A 334 17.20 -19.54 3.47
CA PRO A 334 17.51 -18.12 3.28
C PRO A 334 16.62 -17.50 2.20
N LYS A 335 16.57 -16.17 2.22
CA LYS A 335 15.70 -15.44 1.32
C LYS A 335 15.96 -15.80 -0.14
N ASP A 336 17.23 -15.94 -0.53
CA ASP A 336 17.54 -16.18 -1.93
C ASP A 336 17.02 -17.53 -2.39
N THR A 337 17.08 -18.55 -1.52
CA THR A 337 16.54 -19.86 -1.88
C THR A 337 15.02 -19.80 -2.02
N TRP A 338 14.35 -19.15 -1.09
CA TRP A 338 12.91 -18.92 -1.22
C TRP A 338 12.59 -18.25 -2.56
N ASN A 339 13.29 -17.15 -2.87
CA ASN A 339 12.94 -16.40 -4.08
C ASN A 339 13.16 -17.24 -5.33
N LEU A 340 14.26 -17.99 -5.37
CA LEU A 340 14.61 -18.71 -6.60
C LEU A 340 13.71 -19.91 -6.85
N LEU A 341 13.03 -20.43 -5.82
CA LEU A 341 12.10 -21.53 -6.08
C LEU A 341 11.01 -21.10 -7.06
N LEU A 342 10.56 -19.85 -6.98
CA LEU A 342 9.55 -19.39 -7.93
C LEU A 342 10.12 -19.35 -9.34
N ASP A 343 11.36 -18.88 -9.50
CA ASP A 343 11.95 -18.89 -10.84
C ASP A 343 12.12 -20.30 -11.37
N PHE A 344 12.47 -21.25 -10.50
CA PHE A 344 12.56 -22.65 -10.90
C PHE A 344 11.20 -23.14 -11.39
N SER A 345 10.16 -22.86 -10.62
CA SER A 345 8.81 -23.30 -10.97
C SER A 345 8.39 -22.77 -12.33
N THR A 346 8.82 -21.55 -12.68
CA THR A 346 8.40 -20.93 -13.92
C THR A 346 9.09 -21.52 -15.14
N MET A 347 10.37 -21.90 -15.02
CA MET A 347 11.14 -22.32 -16.19
C MET A 347 11.12 -23.83 -16.42
N ILE A 348 10.84 -24.61 -15.39
CA ILE A 348 11.15 -26.04 -15.42
C ILE A 348 10.14 -26.78 -16.30
N ALA A 349 10.67 -27.68 -17.12
CA ALA A 349 9.85 -28.50 -17.99
C ALA A 349 9.04 -29.49 -17.18
N ASP A 350 8.01 -30.04 -17.81
CA ASP A 350 7.14 -30.97 -17.10
C ASP A 350 7.90 -32.22 -16.64
N ASP A 351 9.02 -32.57 -17.27
CA ASP A 351 9.82 -33.71 -16.86
C ASP A 351 11.19 -33.32 -16.34
N MET A 352 11.42 -32.03 -16.07
CA MET A 352 12.67 -31.47 -15.57
C MET A 352 13.83 -31.60 -16.54
N SER A 353 13.56 -31.90 -17.82
CA SER A 353 14.63 -32.22 -18.76
C SER A 353 15.45 -31.00 -19.17
N ASN A 354 14.96 -29.78 -18.90
CA ASN A 354 15.64 -28.55 -19.29
C ASN A 354 16.36 -27.87 -18.13
N TYR A 355 16.57 -28.57 -17.01
CA TYR A 355 17.28 -27.95 -15.89
C TYR A 355 18.74 -27.71 -16.26
N ASP A 356 19.23 -26.52 -15.96
CA ASP A 356 20.63 -26.17 -16.20
C ASP A 356 21.39 -26.22 -14.88
N GLU A 357 22.17 -27.28 -14.69
CA GLU A 357 22.94 -27.45 -13.46
C GLU A 357 23.98 -26.35 -13.26
N GLU A 358 24.37 -25.65 -14.31
CA GLU A 358 25.34 -24.57 -14.18
C GLU A 358 24.68 -23.22 -13.93
N GLY A 359 23.38 -23.19 -13.65
CA GLY A 359 22.63 -21.96 -13.52
C GLY A 359 22.71 -21.27 -12.17
N ALA A 360 23.54 -21.76 -11.26
CA ALA A 360 23.72 -21.15 -9.94
C ALA A 360 22.44 -21.19 -9.11
N TRP A 361 21.62 -22.20 -9.33
CA TRP A 361 20.50 -22.45 -8.44
C TRP A 361 21.01 -22.84 -7.06
N PRO A 362 20.20 -22.65 -6.01
CA PRO A 362 20.63 -23.12 -4.69
C PRO A 362 20.93 -24.61 -4.73
N VAL A 363 21.86 -25.04 -3.86
CA VAL A 363 22.15 -26.46 -3.73
C VAL A 363 20.87 -27.24 -3.44
N LEU A 364 19.96 -26.66 -2.67
CA LEU A 364 18.72 -27.36 -2.33
C LEU A 364 17.96 -27.74 -3.59
N ILE A 365 17.95 -26.86 -4.59
CA ILE A 365 17.22 -27.15 -5.82
C ILE A 365 18.00 -28.11 -6.71
N ASP A 366 19.33 -28.00 -6.77
CA ASP A 366 20.12 -29.02 -7.46
C ASP A 366 19.80 -30.40 -6.90
N ASP A 367 19.82 -30.52 -5.57
CA ASP A 367 19.53 -31.80 -4.94
C ASP A 367 18.11 -32.26 -5.23
N PHE A 368 17.16 -31.32 -5.27
CA PHE A 368 15.78 -31.70 -5.56
C PHE A 368 15.66 -32.32 -6.95
N VAL A 369 16.30 -31.72 -7.95
CA VAL A 369 16.21 -32.27 -9.29
C VAL A 369 16.75 -33.70 -9.33
N GLU A 370 17.86 -33.95 -8.63
CA GLU A 370 18.37 -35.31 -8.54
C GLU A 370 17.40 -36.23 -7.80
N PHE A 371 16.80 -35.75 -6.71
CA PHE A 371 15.87 -36.56 -5.94
C PHE A 371 14.64 -36.93 -6.75
N ALA A 372 14.19 -36.03 -7.63
CA ALA A 372 12.98 -36.31 -8.38
C ALA A 372 13.17 -37.37 -9.45
N ARG A 373 14.40 -37.84 -9.70
CA ARG A 373 14.67 -38.75 -10.81
C ARG A 373 13.87 -40.05 -10.74
N PRO A 374 13.81 -40.76 -9.61
CA PRO A 374 12.98 -41.98 -9.58
C PRO A 374 11.53 -41.72 -9.94
N GLN A 375 10.91 -40.67 -9.38
CA GLN A 375 9.51 -40.40 -9.69
C GLN A 375 9.33 -40.10 -11.18
N ILE A 376 10.17 -39.22 -11.73
CA ILE A 376 10.07 -38.88 -13.15
C ILE A 376 10.20 -40.14 -14.00
N ALA A 377 11.19 -40.99 -13.69
CA ALA A 377 11.38 -42.21 -14.48
C ALA A 377 10.18 -43.14 -14.37
N GLY A 378 9.66 -43.31 -13.16
CA GLY A 378 8.51 -44.19 -12.96
C GLY A 378 7.31 -43.73 -13.78
N THR A 379 7.04 -42.43 -13.77
CA THR A 379 5.92 -41.90 -14.55
C THR A 379 6.10 -42.18 -16.03
N LYS A 380 7.34 -42.07 -16.52
CA LYS A 380 7.60 -42.28 -17.95
C LYS A 380 7.36 -43.72 -18.35
N SER A 381 7.48 -44.67 -17.42
CA SER A 381 7.25 -46.07 -17.71
C SER A 381 5.87 -46.54 -17.27
N THR A 382 4.98 -45.63 -16.92
CA THR A 382 3.61 -45.96 -16.52
C THR A 382 2.67 -45.78 -17.71
N THR A 383 1.76 -46.75 -17.88
CA THR A 383 0.78 -46.67 -18.94
C THR A 383 -0.26 -45.59 -18.62
N VAL A 384 -0.69 -44.87 -19.64
CA VAL A 384 -1.65 -43.78 -19.47
C VAL A 384 -2.94 -44.28 -18.82
C1 MPD B . -1.63 16.13 -10.67
C2 MPD B . -1.98 15.40 -11.96
O2 MPD B . -3.42 15.35 -12.12
CM MPD B . -1.45 16.17 -13.16
C3 MPD B . -1.46 13.97 -11.95
C4 MPD B . -2.26 13.03 -11.04
O4 MPD B . -2.21 11.75 -11.59
C5 MPD B . -1.72 13.00 -9.61
H11 MPD B . -1.95 15.53 -9.81
H12 MPD B . -2.12 17.10 -10.65
H13 MPD B . -0.54 16.27 -10.62
HO2 MPD B . -3.67 14.51 -12.57
HM1 MPD B . -0.58 15.65 -13.57
HM2 MPD B . -1.15 17.17 -12.85
HM3 MPD B . -2.22 16.24 -13.92
H31 MPD B . -1.47 13.58 -12.96
H32 MPD B . -0.42 13.98 -11.61
H4 MPD B . -3.28 13.41 -10.98
HO4 MPD B . -1.29 11.41 -11.59
H51 MPD B . -1.46 11.98 -9.35
H52 MPD B . -2.47 13.38 -8.92
H53 MPD B . -0.82 13.62 -9.55
N O37 C . -1.91 -13.82 9.14
CA O37 C . -1.53 -15.27 9.20
C O37 C . -1.61 -15.96 8.00
O O37 C . -1.87 -15.36 6.96
CB O37 C . -1.83 -16.00 10.53
CG O37 C . -3.20 -15.95 10.83
CD1 O37 C . -3.51 -15.36 12.08
CD2 O37 C . -4.24 -16.29 9.99
CE1 O37 C . -4.83 -15.23 12.48
CE2 O37 C . -5.56 -16.15 10.39
CZ O37 C . -5.86 -15.60 11.63
CAA O37 C . -3.26 -18.26 6.50
CAB O37 C . -1.79 -17.94 6.68
CAH O37 C . -1.49 -12.85 9.94
CAJ O37 C . -2.01 -11.57 9.69
CAK O37 C . -3.09 -11.32 8.84
CAL O37 C . -3.48 -10.02 8.54
CAM O37 C . -2.71 -8.94 8.96
CAN O37 C . -1.58 -9.19 9.72
CAO O37 C . -1.21 -10.49 10.04
CAP O37 C . -4.62 -9.79 7.78
CAY O37 C . -1.39 -17.38 10.33
CAZ O37 C . -1.47 -18.02 9.15
CBC O37 C . -1.10 -18.38 11.12
CBD O37 C . -1.07 -18.32 12.64
CBE O37 C . -0.73 -20.25 8.51
CBF O37 C . 0.57 -20.30 7.94
CBG O37 C . 0.93 -21.18 6.92
CBH O37 C . -0.04 -21.92 6.29
CBI O37 C . -1.35 -21.75 6.69
CBJ O37 C . -1.62 -20.77 7.63
FAV O37 C . -7.13 -15.47 12.01
NAC O37 C . -1.58 -17.31 8.01
NBA O37 C . -0.75 -19.13 9.09
NBB O37 C . -0.81 -19.45 10.40
OAI O37 C . -0.88 -13.08 10.98
H O37 C . -2.56 -13.64 8.41
HA O37 C . -0.44 -15.25 9.27
HB O37 C . -1.31 -15.52 11.36
HD1 O37 C . -2.71 -15.02 12.73
HD2 O37 C . -4.02 -16.67 8.99
HE1 O37 C . -5.07 -14.81 13.46
HE2 O37 C . -6.37 -16.45 9.73
HAC O37 C . -3.40 -18.74 5.54
HAA O37 C . -3.83 -17.34 6.54
HAB O37 C . -3.58 -18.93 7.29
HAD O37 C . -1.48 -17.27 5.88
HAE O37 C . -1.22 -18.87 6.62
HAK O37 C . -3.63 -12.15 8.39
HAM O37 C . -3.00 -7.91 8.70
HAN O37 C . -0.97 -8.35 10.07
HAO O37 C . -0.28 -10.66 10.59
HAR O37 C . -4.79 -10.65 7.12
HAP O37 C . -4.49 -8.89 7.18
HAQ O37 C . -5.49 -9.68 8.43
HBD O37 C . -0.28 -18.97 13.02
HE3 O37 C . -2.03 -18.65 13.04
HE4 O37 C . -0.89 -17.29 12.97
HBF O37 C . 1.32 -19.60 8.32
HBG O37 C . 1.98 -21.29 6.64
HBH O37 C . 0.21 -22.62 5.50
HBI O37 C . -2.14 -22.38 6.29
HBJ O37 C . -2.65 -20.37 7.66
#